data_3ZW2
#
_entry.id   3ZW2
#
_cell.length_a   34.640
_cell.length_b   47.570
_cell.length_c   72.940
_cell.angle_alpha   90.00
_cell.angle_beta   103.19
_cell.angle_gamma   90.00
#
_symmetry.space_group_name_H-M   'P 1 21 1'
#
loop_
_entity.id
_entity.type
_entity.pdbx_description
1 polymer 'BAMBL LECTIN'
2 branched alpha-L-fucopyranose-(1-2)-beta-D-galactopyranose-(1-3)-2-acetamido-2-deoxy-beta-D-glucopyranose
3 branched alpha-L-fucopyranose-(1-2)-beta-D-galactopyranose
4 branched alpha-L-fucopyranose-(1-2)-beta-D-galactopyranose-(1-3)-2-acetamido-2-deoxy-beta-D-glucopyranose-(1-3)-alpha-D-galactopyranose
5 water water
#
_entity_poly.entity_id   1
_entity_poly.type   'polypeptide(L)'
_entity_poly.pdbx_seq_one_letter_code
;MQTAAISWGTTPSIRVYTANGNKITERCYDGSNWYTGAFNQAGDNVSATCWLSGSAVHIRVYATSGGSTTEWCWDGDGWT
RGAYTGL
;
_entity_poly.pdbx_strand_id   A,B,C
#
loop_
_chem_comp.id
_chem_comp.type
_chem_comp.name
_chem_comp.formula
FUC L-saccharide, alpha linking alpha-L-fucopyranose 'C6 H12 O5'
GAL D-saccharide, beta linking beta-D-galactopyranose 'C6 H12 O6'
GLA D-saccharide, alpha linking alpha-D-galactopyranose 'C6 H12 O6'
NAG D-saccharide, beta linking 2-acetamido-2-deoxy-beta-D-glucopyranose 'C8 H15 N O6'
#
# COMPACT_ATOMS: atom_id res chain seq x y z
N MET A 1 -13.64 9.09 -0.36
CA MET A 1 -12.70 8.91 0.77
C MET A 1 -11.83 7.68 0.56
N GLN A 2 -10.52 7.86 0.61
CA GLN A 2 -9.53 6.82 0.19
C GLN A 2 -8.28 6.88 1.04
N THR A 3 -7.85 5.72 1.50
CA THR A 3 -6.71 5.67 2.41
C THR A 3 -5.48 4.92 1.92
N ALA A 4 -4.39 5.27 2.52
CA ALA A 4 -3.13 4.54 2.43
C ALA A 4 -2.58 4.36 3.85
N ALA A 5 -1.92 3.23 4.09
CA ALA A 5 -1.43 2.89 5.43
C ALA A 5 -0.02 2.38 5.35
N ILE A 6 0.79 2.86 6.29
CA ILE A 6 2.17 2.39 6.49
C ILE A 6 2.47 2.18 7.97
N SER A 7 3.51 1.41 8.23
CA SER A 7 3.93 1.20 9.58
C SER A 7 5.39 0.88 9.60
N TRP A 8 5.98 1.11 10.75
CA TRP A 8 7.38 0.76 11.00
C TRP A 8 7.69 0.47 12.45
N GLY A 9 8.81 -0.21 12.65
CA GLY A 9 9.29 -0.51 13.99
C GLY A 9 8.45 -1.56 14.71
N THR A 10 8.74 -1.78 15.98
CA THR A 10 8.04 -2.86 16.71
C THR A 10 6.98 -2.36 17.68
N THR A 11 6.88 -1.03 17.86
CA THR A 11 5.81 -0.50 18.69
C THR A 11 4.44 -0.99 18.22
N PRO A 12 4.09 -0.81 16.94
CA PRO A 12 4.76 -0.10 15.87
C PRO A 12 4.26 1.35 15.83
N SER A 13 4.88 2.16 14.99
CA SER A 13 4.26 3.41 14.55
C SER A 13 3.42 3.10 13.32
N ILE A 14 2.24 3.73 13.21
CA ILE A 14 1.39 3.59 12.03
C ILE A 14 1.03 4.96 11.53
N ARG A 15 1.03 5.13 10.20
CA ARG A 15 0.43 6.34 9.63
C ARG A 15 -0.62 5.96 8.63
N VAL A 16 -1.77 6.64 8.70
CA VAL A 16 -2.90 6.42 7.77
C VAL A 16 -3.22 7.73 7.11
N TYR A 17 -3.02 7.78 5.80
CA TYR A 17 -3.27 8.98 4.97
C TYR A 17 -4.63 8.84 4.34
N THR A 18 -5.47 9.86 4.47
CA THR A 18 -6.83 9.82 3.91
C THR A 18 -7.01 11.01 2.97
N ALA A 19 -7.34 10.69 1.71
CA ALA A 19 -7.76 11.65 0.69
C ALA A 19 -9.25 11.80 0.75
N ASN A 20 -9.69 13.03 0.96
CA ASN A 20 -11.15 13.36 0.97
C ASN A 20 -11.33 14.83 0.70
N GLY A 21 -12.28 15.19 -0.15
CA GLY A 21 -12.61 16.59 -0.34
C GLY A 21 -11.42 17.42 -0.82
N ASN A 22 -10.61 16.80 -1.69
CA ASN A 22 -9.40 17.37 -2.32
C ASN A 22 -8.20 17.53 -1.40
N LYS A 23 -8.29 17.07 -0.17
CA LYS A 23 -7.19 17.19 0.75
C LYS A 23 -6.79 15.85 1.31
N ILE A 24 -5.50 15.71 1.59
CA ILE A 24 -4.98 14.51 2.22
C ILE A 24 -4.49 14.86 3.60
N THR A 25 -5.02 14.16 4.61
CA THR A 25 -4.65 14.35 6.01
C THR A 25 -4.05 13.04 6.51
N GLU A 26 -3.48 13.12 7.70
CA GLU A 26 -2.64 12.05 8.27
C GLU A 26 -3.04 11.77 9.71
N ARG A 27 -3.37 10.50 10.02
CA ARG A 27 -3.64 10.05 11.39
C ARG A 27 -2.48 9.11 11.78
N CYS A 28 -2.04 9.24 13.04
CA CYS A 28 -0.80 8.68 13.51
C CYS A 28 -1.00 7.89 14.77
N TYR A 29 -0.31 6.76 14.86
CA TYR A 29 -0.24 5.98 16.10
C TYR A 29 1.23 5.76 16.40
N ASP A 30 1.62 6.15 17.61
CA ASP A 30 2.96 5.91 18.10
C ASP A 30 3.01 5.10 19.40
N GLY A 31 1.92 4.41 19.74
CA GLY A 31 1.82 3.58 20.93
C GLY A 31 0.81 4.01 21.94
N SER A 32 0.16 5.14 21.68
CA SER A 32 -0.78 5.77 22.60
C SER A 32 -1.98 6.22 21.77
N ASN A 33 -2.61 7.32 22.13
CA ASN A 33 -3.80 7.79 21.42
C ASN A 33 -3.46 8.08 19.96
N TRP A 34 -4.38 7.79 19.06
CA TRP A 34 -4.25 8.26 17.68
C TRP A 34 -4.32 9.79 17.65
N TYR A 35 -3.54 10.39 16.76
CA TYR A 35 -3.47 11.85 16.67
C TYR A 35 -3.38 12.28 15.22
N THR A 36 -3.67 13.56 14.99
CA THR A 36 -3.58 14.09 13.64
C THR A 36 -2.19 14.67 13.43
N GLY A 37 -1.51 14.20 12.37
CA GLY A 37 -0.13 14.58 12.14
C GLY A 37 0.02 15.82 11.29
N ALA A 38 1.26 16.19 11.06
CA ALA A 38 1.62 17.41 10.39
C ALA A 38 1.37 17.34 8.88
N PHE A 39 1.14 16.14 8.30
CA PHE A 39 0.99 16.03 6.85
C PHE A 39 -0.34 16.63 6.42
N ASN A 40 -0.27 17.56 5.50
CA ASN A 40 -1.48 18.20 4.98
C ASN A 40 -1.16 18.73 3.60
N GLN A 41 -1.71 18.09 2.56
CA GLN A 41 -1.44 18.53 1.19
C GLN A 41 -2.63 18.25 0.32
N ALA A 42 -2.68 18.89 -0.83
CA ALA A 42 -3.81 18.71 -1.74
C ALA A 42 -3.72 17.35 -2.44
N GLY A 43 -4.88 16.78 -2.75
CA GLY A 43 -4.93 15.56 -3.57
C GLY A 43 -6.27 14.84 -3.44
N ASP A 44 -6.59 14.06 -4.47
CA ASP A 44 -7.77 13.19 -4.43
C ASP A 44 -7.38 11.70 -4.36
N ASN A 45 -6.08 11.41 -4.35
CA ASN A 45 -5.61 10.04 -4.26
C ASN A 45 -4.25 10.04 -3.62
N VAL A 46 -3.99 9.04 -2.78
CA VAL A 46 -2.75 8.93 -2.01
C VAL A 46 -2.22 7.50 -1.94
N SER A 47 -0.89 7.38 -2.02
CA SER A 47 -0.20 6.17 -1.70
C SER A 47 0.98 6.57 -0.87
N ALA A 48 1.60 5.61 -0.20
CA ALA A 48 2.72 5.89 0.66
C ALA A 48 3.55 4.69 0.87
N THR A 49 4.80 4.94 1.23
CA THR A 49 5.78 3.91 1.60
C THR A 49 6.74 4.51 2.57
N CYS A 50 7.51 3.66 3.27
CA CYS A 50 8.46 4.16 4.24
C CYS A 50 9.59 3.20 4.47
N TRP A 51 10.67 3.72 5.02
CA TRP A 51 11.82 2.88 5.39
C TRP A 51 12.58 3.56 6.51
N LEU A 52 13.44 2.78 7.16
CA LEU A 52 14.27 3.29 8.25
C LEU A 52 15.72 3.42 7.80
N SER A 53 16.36 4.47 8.30
CA SER A 53 17.83 4.57 8.31
C SER A 53 18.27 4.54 9.78
N GLY A 54 19.58 4.50 9.99
CA GLY A 54 20.13 4.40 11.35
C GLY A 54 19.47 5.30 12.39
N SER A 55 19.21 6.57 12.04
CA SER A 55 18.61 7.45 13.04
C SER A 55 17.48 8.34 12.51
N ALA A 56 16.76 7.84 11.50
CA ALA A 56 15.53 8.51 11.07
C ALA A 56 14.54 7.53 10.44
N VAL A 57 13.27 7.92 10.41
CA VAL A 57 12.25 7.22 9.59
C VAL A 57 12.08 8.12 8.38
N HIS A 58 11.91 7.52 7.22
CA HIS A 58 11.72 8.24 5.98
C HIS A 58 10.39 7.83 5.41
N ILE A 59 9.57 8.79 5.03
CA ILE A 59 8.25 8.52 4.48
C ILE A 59 8.15 9.19 3.14
N ARG A 60 7.60 8.50 2.17
CA ARG A 60 7.27 9.13 0.90
C ARG A 60 5.77 8.94 0.66
N VAL A 61 5.11 10.06 0.41
CA VAL A 61 3.68 10.09 0.19
C VAL A 61 3.48 10.62 -1.23
N TYR A 62 2.68 9.91 -2.03
CA TYR A 62 2.43 10.26 -3.43
C TYR A 62 1.00 10.77 -3.55
N ALA A 63 0.90 12.07 -3.74
CA ALA A 63 -0.37 12.80 -3.72
C ALA A 63 -0.75 13.12 -5.14
N THR A 64 -1.89 12.61 -5.61
CA THR A 64 -2.30 12.80 -6.98
C THR A 64 -3.55 13.66 -7.02
N SER A 65 -3.44 14.74 -7.77
CA SER A 65 -4.53 15.71 -7.95
C SER A 65 -4.67 15.78 -9.43
N GLY A 66 -5.76 15.21 -9.92
CA GLY A 66 -6.01 15.17 -11.35
C GLY A 66 -4.92 14.34 -11.98
N GLY A 67 -4.28 14.92 -12.98
CA GLY A 67 -3.32 14.21 -13.80
C GLY A 67 -1.88 14.32 -13.35
N SER A 68 -1.64 14.87 -12.18
N SER A 68 -1.64 14.89 -12.18
CA SER A 68 -0.27 15.03 -11.69
CA SER A 68 -0.28 15.10 -11.67
C SER A 68 -0.05 14.48 -10.29
C SER A 68 -0.05 14.49 -10.28
N THR A 69 1.05 13.76 -10.15
CA THR A 69 1.46 13.20 -8.88
C THR A 69 2.65 13.98 -8.34
N THR A 70 2.49 14.47 -7.12
CA THR A 70 3.54 15.08 -6.32
C THR A 70 3.99 14.15 -5.20
N GLU A 71 5.30 13.99 -5.06
CA GLU A 71 5.88 13.28 -3.94
C GLU A 71 6.15 14.26 -2.79
N TRP A 72 5.82 13.82 -1.57
CA TRP A 72 6.10 14.54 -0.35
C TRP A 72 6.99 13.65 0.53
N CYS A 73 8.01 14.24 1.13
CA CYS A 73 9.01 13.51 1.86
C CYS A 73 9.13 13.93 3.30
N TRP A 74 9.16 12.94 4.20
CA TRP A 74 9.54 13.15 5.59
C TRP A 74 10.88 12.44 5.78
N ASP A 75 11.84 13.17 6.29
CA ASP A 75 13.15 12.61 6.61
C ASP A 75 13.62 13.10 7.98
N GLY A 76 12.66 13.48 8.82
CA GLY A 76 12.94 13.87 10.21
C GLY A 76 12.90 15.37 10.45
N ASP A 77 12.79 16.17 9.39
CA ASP A 77 12.91 17.61 9.49
C ASP A 77 11.83 18.34 8.73
N GLY A 78 10.63 17.82 8.81
CA GLY A 78 9.48 18.45 8.18
C GLY A 78 9.23 17.85 6.81
N TRP A 79 8.03 18.11 6.31
CA TRP A 79 7.62 17.63 5.02
C TRP A 79 8.16 18.53 3.93
N THR A 80 8.79 17.94 2.91
CA THR A 80 9.37 18.68 1.80
C THR A 80 8.93 18.00 0.52
N ARG A 81 8.81 18.77 -0.55
CA ARG A 81 8.48 18.19 -1.86
C ARG A 81 9.65 17.31 -2.29
N GLY A 82 9.33 16.22 -2.99
CA GLY A 82 10.35 15.36 -3.55
C GLY A 82 10.51 15.58 -5.04
N ALA A 83 11.57 14.96 -5.57
CA ALA A 83 11.95 15.07 -6.97
C ALA A 83 11.15 14.21 -7.95
N TYR A 84 10.26 13.36 -7.45
CA TYR A 84 9.47 12.50 -8.32
C TYR A 84 8.77 13.27 -9.45
N THR A 85 8.88 12.72 -10.64
CA THR A 85 8.10 13.17 -11.78
C THR A 85 7.51 11.94 -12.43
N GLY A 86 6.35 12.11 -13.03
CA GLY A 86 5.59 11.02 -13.57
C GLY A 86 5.93 10.73 -15.01
N LEU A 87 5.03 9.96 -15.61
CA LEU A 87 5.12 9.50 -16.98
C LEU A 87 3.91 10.11 -17.71
N MET B 1 -6.65 9.36 -11.61
CA MET B 1 -5.32 8.68 -11.62
C MET B 1 -5.11 8.14 -10.23
N GLN B 2 -4.41 7.02 -10.12
CA GLN B 2 -4.31 6.31 -8.84
C GLN B 2 -2.97 5.61 -8.74
N THR B 3 -2.35 5.64 -7.57
CA THR B 3 -1.01 5.11 -7.46
C THR B 3 -0.86 4.07 -6.37
N ALA B 4 0.25 3.34 -6.48
CA ALA B 4 0.71 2.42 -5.44
C ALA B 4 2.21 2.63 -5.31
N ALA B 5 2.76 2.52 -4.12
CA ALA B 5 4.17 2.75 -3.92
C ALA B 5 4.79 1.69 -3.06
N ILE B 6 5.98 1.28 -3.45
CA ILE B 6 6.79 0.33 -2.65
C ILE B 6 8.23 0.78 -2.60
N SER B 7 8.96 0.25 -1.63
CA SER B 7 10.35 0.58 -1.44
C SER B 7 11.11 -0.53 -0.77
N TRP B 8 12.41 -0.58 -1.03
CA TRP B 8 13.27 -1.52 -0.35
C TRP B 8 14.71 -1.07 -0.30
N GLY B 9 15.44 -1.70 0.60
CA GLY B 9 16.84 -1.46 0.76
C GLY B 9 17.17 -0.11 1.41
N THR B 10 18.46 0.12 1.54
CA THR B 10 18.96 1.30 2.24
C THR B 10 19.08 2.56 1.33
N THR B 11 19.12 2.39 0.02
CA THR B 11 19.35 3.53 -0.86
C THR B 11 18.28 4.64 -0.76
N PRO B 12 16.98 4.29 -0.80
CA PRO B 12 16.41 3.03 -1.11
C PRO B 12 16.10 3.00 -2.61
N SER B 13 15.59 1.85 -3.04
CA SER B 13 14.86 1.80 -4.27
C SER B 13 13.38 2.04 -3.99
N ILE B 14 12.74 2.74 -4.90
CA ILE B 14 11.31 3.02 -4.85
C ILE B 14 10.70 2.72 -6.20
N ARG B 15 9.51 2.08 -6.19
CA ARG B 15 8.69 1.97 -7.38
C ARG B 15 7.32 2.54 -7.12
N VAL B 16 6.84 3.33 -8.06
CA VAL B 16 5.51 3.94 -8.00
C VAL B 16 4.75 3.51 -9.23
N TYR B 17 3.62 2.82 -9.02
CA TYR B 17 2.76 2.33 -10.10
C TYR B 17 1.60 3.28 -10.22
N THR B 18 1.28 3.69 -11.45
CA THR B 18 0.17 4.61 -11.69
C THR B 18 -0.81 4.00 -12.66
N ALA B 19 -2.07 3.98 -12.25
CA ALA B 19 -3.15 3.58 -13.12
C ALA B 19 -3.77 4.87 -13.64
N ASN B 20 -3.74 5.02 -14.96
CA ASN B 20 -4.40 6.16 -15.59
C ASN B 20 -5.21 5.65 -16.75
N GLY B 21 -6.52 5.90 -16.70
CA GLY B 21 -7.47 5.28 -17.60
C GLY B 21 -7.48 3.79 -17.33
N ASN B 22 -7.03 3.02 -18.32
CA ASN B 22 -6.93 1.60 -18.19
C ASN B 22 -5.51 1.10 -18.43
N LYS B 23 -4.51 1.94 -18.16
CA LYS B 23 -3.13 1.49 -18.24
C LYS B 23 -2.35 1.77 -16.97
N ILE B 24 -1.57 0.80 -16.55
CA ILE B 24 -0.66 0.92 -15.42
C ILE B 24 0.79 0.96 -15.92
N THR B 25 1.51 2.00 -15.46
CA THR B 25 2.93 2.22 -15.78
C THR B 25 3.70 2.40 -14.46
N GLU B 26 5.00 2.39 -14.56
CA GLU B 26 5.89 2.31 -13.42
C GLU B 26 7.02 3.34 -13.53
N ARG B 27 7.22 4.09 -12.45
CA ARG B 27 8.40 4.96 -12.30
C ARG B 27 9.28 4.46 -11.19
N CYS B 28 10.56 4.55 -11.41
CA CYS B 28 11.57 3.91 -10.64
C CYS B 28 12.63 4.88 -10.11
N TYR B 29 13.03 4.67 -8.87
CA TYR B 29 14.14 5.38 -8.27
C TYR B 29 15.10 4.38 -7.68
N ASP B 30 16.37 4.48 -8.03
CA ASP B 30 17.41 3.64 -7.44
C ASP B 30 18.60 4.46 -6.92
N GLY B 31 18.36 5.70 -6.49
CA GLY B 31 19.40 6.52 -5.87
C GLY B 31 19.92 7.69 -6.67
N SER B 32 19.47 7.86 -7.89
CA SER B 32 19.85 9.07 -8.62
C SER B 32 18.63 9.72 -9.26
N ASN B 33 18.31 9.37 -10.49
CA ASN B 33 17.16 9.98 -11.16
C ASN B 33 16.00 9.02 -11.26
N TRP B 34 14.78 9.57 -11.38
CA TRP B 34 13.63 8.75 -11.62
C TRP B 34 13.63 8.35 -13.08
N TYR B 35 13.19 7.13 -13.36
CA TYR B 35 13.17 6.63 -14.73
C TYR B 35 11.95 5.76 -14.92
N THR B 36 11.63 5.50 -16.17
CA THR B 36 10.45 4.70 -16.50
C THR B 36 10.80 3.24 -16.50
N GLY B 37 10.00 2.46 -15.77
CA GLY B 37 10.25 1.05 -15.59
C GLY B 37 9.67 0.17 -16.68
N ALA B 38 10.08 -1.08 -16.60
CA ALA B 38 9.65 -2.11 -17.53
C ALA B 38 8.19 -2.50 -17.40
N PHE B 39 7.58 -2.28 -16.23
CA PHE B 39 6.19 -2.68 -16.03
C PHE B 39 5.18 -1.89 -16.89
N ASN B 40 4.40 -2.60 -17.69
N ASN B 40 4.45 -2.60 -17.75
CA ASN B 40 3.34 -1.99 -18.47
CA ASN B 40 3.34 -2.05 -18.57
C ASN B 40 2.25 -3.02 -18.75
C ASN B 40 2.25 -3.08 -18.70
N GLN B 41 1.11 -2.85 -18.09
CA GLN B 41 -0.04 -3.77 -18.21
C GLN B 41 -1.35 -2.97 -18.10
N ALA B 42 -2.43 -3.63 -18.49
CA ALA B 42 -3.79 -3.11 -18.43
C ALA B 42 -4.24 -3.06 -16.98
N GLY B 43 -5.07 -2.08 -16.66
CA GLY B 43 -5.73 -2.03 -15.35
C GLY B 43 -6.22 -0.64 -15.03
N ASP B 44 -7.29 -0.58 -14.25
CA ASP B 44 -7.87 0.68 -13.75
C ASP B 44 -7.60 0.88 -12.25
N ASN B 45 -6.93 -0.09 -11.62
CA ASN B 45 -6.58 0.00 -10.21
C ASN B 45 -5.34 -0.81 -10.00
N VAL B 46 -4.45 -0.34 -9.15
CA VAL B 46 -3.18 -1.05 -8.84
C VAL B 46 -2.92 -1.05 -7.34
N SER B 47 -2.40 -2.19 -6.83
CA SER B 47 -1.74 -2.23 -5.54
C SER B 47 -0.48 -3.03 -5.75
N ALA B 48 0.44 -2.95 -4.79
CA ALA B 48 1.71 -3.64 -4.88
C ALA B 48 2.31 -3.92 -3.55
N THR B 49 3.18 -4.92 -3.52
CA THR B 49 3.96 -5.25 -2.35
C THR B 49 5.26 -5.85 -2.78
N CYS B 50 6.25 -5.86 -1.90
CA CYS B 50 7.53 -6.44 -2.24
C CYS B 50 8.20 -6.99 -1.04
N TRP B 51 9.19 -7.85 -1.32
CA TRP B 51 9.99 -8.40 -0.26
C TRP B 51 11.36 -8.76 -0.79
N LEU B 52 12.27 -8.95 0.15
CA LEU B 52 13.59 -9.41 -0.20
C LEU B 52 13.76 -10.86 0.21
N SER B 53 14.14 -11.72 -0.73
CA SER B 53 14.52 -13.07 -0.38
C SER B 53 16.02 -12.91 -0.20
N GLY B 54 16.71 -13.92 0.31
CA GLY B 54 18.14 -13.79 0.37
C GLY B 54 18.62 -13.08 -0.90
N SER B 55 18.41 -13.72 -2.06
CA SER B 55 19.20 -13.42 -3.24
C SER B 55 18.58 -12.43 -4.26
N ALA B 56 17.34 -11.98 -4.05
CA ALA B 56 16.72 -11.02 -4.98
C ALA B 56 15.59 -10.21 -4.35
N VAL B 57 15.25 -9.06 -4.93
CA VAL B 57 13.99 -8.35 -4.60
C VAL B 57 12.85 -8.97 -5.43
N HIS B 58 11.70 -9.16 -4.80
CA HIS B 58 10.51 -9.71 -5.45
C HIS B 58 9.42 -8.71 -5.33
N ILE B 59 8.76 -8.42 -6.44
CA ILE B 59 7.62 -7.48 -6.44
C ILE B 59 6.37 -8.18 -6.93
N ARG B 60 5.24 -7.88 -6.31
CA ARG B 60 3.95 -8.34 -6.83
C ARG B 60 3.06 -7.16 -7.04
N VAL B 61 2.54 -7.04 -8.25
CA VAL B 61 1.64 -5.96 -8.61
C VAL B 61 0.30 -6.55 -8.95
N TYR B 62 -0.74 -6.04 -8.30
CA TYR B 62 -2.11 -6.48 -8.50
C TYR B 62 -2.86 -5.45 -9.33
N ALA B 63 -3.10 -5.82 -10.59
CA ALA B 63 -3.72 -4.96 -11.58
C ALA B 63 -5.12 -5.43 -11.78
N THR B 64 -6.09 -4.56 -11.49
CA THR B 64 -7.50 -4.84 -11.69
C THR B 64 -8.08 -4.13 -12.91
N SER B 65 -8.72 -4.90 -13.78
CA SER B 65 -9.54 -4.38 -14.87
C SER B 65 -10.90 -4.97 -14.68
N GLY B 66 -11.89 -4.12 -14.43
CA GLY B 66 -13.24 -4.58 -14.22
C GLY B 66 -13.31 -5.44 -12.99
N GLY B 67 -13.91 -6.61 -13.15
CA GLY B 67 -14.11 -7.48 -12.04
C GLY B 67 -13.00 -8.47 -11.91
N SER B 68 -11.84 -8.20 -12.50
N SER B 68 -11.84 -8.23 -12.53
CA SER B 68 -10.77 -9.19 -12.48
CA SER B 68 -10.75 -9.22 -12.50
C SER B 68 -9.41 -8.65 -12.14
C SER B 68 -9.41 -8.65 -12.14
N THR B 69 -8.77 -9.29 -11.17
CA THR B 69 -7.46 -8.89 -10.70
C THR B 69 -6.41 -9.88 -11.18
N THR B 70 -5.40 -9.34 -11.85
CA THR B 70 -4.23 -10.09 -12.25
C THR B 70 -3.03 -9.70 -11.45
N GLU B 71 -2.30 -10.71 -11.00
CA GLU B 71 -1.00 -10.55 -10.32
C GLU B 71 0.12 -10.69 -11.33
N TRP B 72 1.04 -9.70 -11.33
CA TRP B 72 2.21 -9.69 -12.14
C TRP B 72 3.40 -9.74 -11.17
N CYS B 73 4.38 -10.54 -11.52
CA CYS B 73 5.50 -10.88 -10.67
C CYS B 73 6.85 -10.44 -11.24
N TRP B 74 7.66 -9.76 -10.43
CA TRP B 74 9.04 -9.53 -10.75
C TRP B 74 9.90 -10.34 -9.77
N ASP B 75 10.77 -11.17 -10.30
CA ASP B 75 11.63 -12.04 -9.48
C ASP B 75 13.07 -11.99 -9.94
N GLY B 76 13.42 -10.89 -10.60
CA GLY B 76 14.76 -10.67 -11.16
C GLY B 76 14.95 -10.79 -12.66
N ASP B 77 13.99 -11.36 -13.38
CA ASP B 77 14.23 -11.74 -14.79
C ASP B 77 12.97 -11.45 -15.59
N GLY B 78 12.41 -10.25 -15.41
CA GLY B 78 11.23 -9.84 -16.16
C GLY B 78 9.92 -10.03 -15.43
N TRP B 79 8.84 -9.50 -16.00
CA TRP B 79 7.51 -9.62 -15.41
C TRP B 79 6.78 -10.88 -15.93
N THR B 80 6.28 -11.68 -14.99
CA THR B 80 5.57 -12.92 -15.31
C THR B 80 4.20 -12.90 -14.62
N ARG B 81 3.27 -13.72 -15.11
CA ARG B 81 1.92 -13.71 -14.57
C ARG B 81 1.81 -14.68 -13.39
N GLY B 82 1.27 -14.16 -12.30
CA GLY B 82 1.16 -14.91 -11.03
C GLY B 82 -0.07 -15.78 -10.97
N ALA B 83 -0.06 -16.74 -10.03
CA ALA B 83 -1.16 -17.65 -9.84
C ALA B 83 -2.42 -17.02 -9.24
N TYR B 84 -2.32 -15.81 -8.68
CA TYR B 84 -3.42 -15.16 -8.03
C TYR B 84 -4.68 -15.21 -8.87
N THR B 85 -5.76 -15.66 -8.26
CA THR B 85 -7.10 -15.43 -8.78
C THR B 85 -7.96 -14.88 -7.64
N GLY B 86 -9.06 -14.27 -8.03
CA GLY B 86 -9.94 -13.64 -7.08
C GLY B 86 -10.87 -14.60 -6.39
N LEU B 87 -11.82 -14.00 -5.71
CA LEU B 87 -12.80 -14.71 -4.92
C LEU B 87 -13.48 -15.85 -5.69
N MET C 1 -13.79 -2.06 -8.51
CA MET C 1 -13.00 -2.96 -7.63
C MET C 1 -11.66 -2.32 -7.29
N GLN C 2 -11.27 -2.43 -6.04
CA GLN C 2 -10.05 -1.80 -5.55
C GLN C 2 -9.30 -2.72 -4.60
N THR C 3 -7.99 -2.79 -4.74
CA THR C 3 -7.23 -3.70 -3.88
C THR C 3 -6.15 -3.02 -3.01
N ALA C 4 -5.72 -3.78 -2.00
CA ALA C 4 -4.59 -3.47 -1.15
C ALA C 4 -3.82 -4.75 -0.95
N ALA C 5 -2.50 -4.67 -0.88
CA ALA C 5 -1.67 -5.85 -0.84
C ALA C 5 -0.60 -5.65 0.20
N ILE C 6 -0.38 -6.69 0.99
CA ILE C 6 0.67 -6.74 1.97
C ILE C 6 1.40 -8.04 1.94
N SER C 7 2.60 -8.06 2.52
CA SER C 7 3.33 -9.31 2.57
C SER C 7 4.28 -9.32 3.74
N TRP C 8 4.65 -10.51 4.17
CA TRP C 8 5.65 -10.64 5.23
C TRP C 8 6.42 -11.93 5.16
N GLY C 9 7.58 -11.90 5.80
CA GLY C 9 8.45 -13.05 5.90
C GLY C 9 9.19 -13.35 4.61
N THR C 10 9.86 -14.50 4.67
CA THR C 10 10.73 -14.98 3.62
C THR C 10 10.01 -15.86 2.56
N THR C 11 8.87 -16.45 2.94
CA THR C 11 8.18 -17.41 2.07
C THR C 11 7.79 -16.86 0.69
N PRO C 12 7.04 -15.74 0.64
CA PRO C 12 6.45 -14.99 1.71
C PRO C 12 4.98 -15.42 1.93
N SER C 13 4.37 -14.84 2.95
CA SER C 13 2.91 -14.76 2.99
C SER C 13 2.47 -13.46 2.33
N ILE C 14 1.34 -13.48 1.65
CA ILE C 14 0.79 -12.28 1.00
C ILE C 14 -0.68 -12.30 1.33
N ARG C 15 -1.23 -11.11 1.57
CA ARG C 15 -2.69 -10.93 1.67
C ARG C 15 -3.13 -9.83 0.74
N VAL C 16 -4.19 -10.09 0.01
CA VAL C 16 -4.72 -9.12 -0.96
C VAL C 16 -6.16 -8.89 -0.55
N TYR C 17 -6.45 -7.65 -0.19
CA TYR C 17 -7.83 -7.23 0.15
C TYR C 17 -8.46 -6.60 -1.06
N THR C 18 -9.73 -6.93 -1.34
CA THR C 18 -10.45 -6.37 -2.46
C THR C 18 -11.77 -5.82 -1.99
N ALA C 19 -11.95 -4.52 -2.22
CA ALA C 19 -13.25 -3.84 -2.04
C ALA C 19 -14.02 -3.94 -3.34
N ASN C 20 -15.21 -4.53 -3.28
CA ASN C 20 -16.07 -4.65 -4.47
C ASN C 20 -17.47 -4.37 -4.00
N GLY C 21 -18.09 -3.38 -4.62
CA GLY C 21 -19.28 -2.80 -4.06
C GLY C 21 -18.89 -2.25 -2.71
N ASN C 22 -19.66 -2.65 -1.71
CA ASN C 22 -19.48 -2.20 -0.34
C ASN C 22 -19.02 -3.39 0.53
N LYS C 23 -18.37 -4.40 -0.07
CA LYS C 23 -17.76 -5.50 0.72
C LYS C 23 -16.28 -5.65 0.47
N ILE C 24 -15.51 -5.89 1.51
CA ILE C 24 -14.07 -6.21 1.39
C ILE C 24 -13.84 -7.67 1.75
N THR C 25 -13.17 -8.39 0.85
CA THR C 25 -12.80 -9.78 1.05
C THR C 25 -11.28 -9.91 0.94
N GLU C 26 -10.78 -11.08 1.28
CA GLU C 26 -9.34 -11.33 1.44
C GLU C 26 -8.93 -12.63 0.75
N ARG C 27 -7.90 -12.53 -0.11
CA ARG C 27 -7.25 -13.69 -0.67
C ARG C 27 -5.86 -13.81 -0.08
N CYS C 28 -5.46 -15.04 0.17
CA CYS C 28 -4.27 -15.34 0.94
C CYS C 28 -3.35 -16.32 0.26
N TYR C 29 -2.06 -16.05 0.43
CA TYR C 29 -1.01 -16.94 -0.02
C TYR C 29 -0.03 -17.16 1.13
N ASP C 30 0.22 -18.42 1.44
CA ASP C 30 1.20 -18.81 2.47
C ASP C 30 2.28 -19.78 1.98
N GLY C 31 2.53 -19.84 0.67
CA GLY C 31 3.53 -20.72 0.14
C GLY C 31 3.05 -21.86 -0.73
N SER C 32 1.73 -22.03 -0.89
N SER C 32 1.74 -21.99 -0.90
CA SER C 32 1.21 -23.07 -1.78
CA SER C 32 1.18 -23.07 -1.70
C SER C 32 0.22 -22.50 -2.80
C SER C 32 0.22 -22.50 -2.77
N ASN C 33 -1.07 -22.65 -2.54
CA ASN C 33 -2.11 -22.11 -3.40
C ASN C 33 -2.79 -20.92 -2.73
N TRP C 34 -3.46 -20.10 -3.52
CA TRP C 34 -4.27 -19.02 -2.96
C TRP C 34 -5.56 -19.58 -2.38
N TYR C 35 -5.99 -18.98 -1.26
CA TYR C 35 -7.22 -19.35 -0.61
C TYR C 35 -7.94 -18.11 -0.12
N THR C 36 -9.23 -18.26 0.14
CA THR C 36 -10.04 -17.16 0.63
C THR C 36 -9.93 -17.13 2.15
N GLY C 37 -9.52 -15.97 2.66
CA GLY C 37 -9.25 -15.79 4.10
C GLY C 37 -10.46 -15.43 4.89
N ALA C 38 -10.24 -15.37 6.19
CA ALA C 38 -11.33 -15.11 7.15
C ALA C 38 -11.86 -13.65 7.13
N PHE C 39 -11.10 -12.70 6.56
CA PHE C 39 -11.49 -11.31 6.61
C PHE C 39 -12.71 -11.06 5.73
N ASN C 40 -13.73 -10.46 6.30
CA ASN C 40 -14.88 -10.07 5.53
C ASN C 40 -15.57 -8.95 6.29
N GLN C 41 -15.50 -7.71 5.77
CA GLN C 41 -16.13 -6.55 6.43
C GLN C 41 -16.66 -5.59 5.37
N ALA C 42 -17.51 -4.69 5.80
CA ALA C 42 -18.09 -3.65 4.93
C ALA C 42 -17.01 -2.65 4.52
N GLY C 43 -17.09 -2.17 3.29
CA GLY C 43 -16.24 -1.09 2.85
C GLY C 43 -16.17 -0.99 1.35
N ASP C 44 -16.00 0.23 0.87
CA ASP C 44 -15.82 0.43 -0.54
C ASP C 44 -14.43 0.92 -0.90
N ASN C 45 -13.58 1.01 0.11
CA ASN C 45 -12.17 1.31 -0.06
C ASN C 45 -11.39 0.63 1.04
N VAL C 46 -10.19 0.17 0.69
CA VAL C 46 -9.36 -0.51 1.64
C VAL C 46 -7.87 -0.18 1.53
N SER C 47 -7.22 -0.06 2.67
CA SER C 47 -5.77 -0.10 2.75
C SER C 47 -5.36 -1.01 3.87
N ALA C 48 -4.08 -1.37 3.90
CA ALA C 48 -3.62 -2.29 4.92
C ALA C 48 -2.13 -2.18 5.16
N THR C 49 -1.74 -2.57 6.35
CA THR C 49 -0.32 -2.64 6.67
C THR C 49 -0.09 -3.78 7.64
N CYS C 50 1.16 -4.23 7.82
CA CYS C 50 1.40 -5.32 8.73
C CYS C 50 2.81 -5.26 9.27
N TRP C 51 3.01 -5.91 10.39
CA TRP C 51 4.37 -6.06 10.97
C TRP C 51 4.40 -7.39 11.75
N LEU C 52 5.62 -7.84 12.07
CA LEU C 52 5.85 -9.05 12.83
C LEU C 52 6.45 -8.67 14.16
N SER C 53 5.86 -9.20 15.23
CA SER C 53 6.43 -9.03 16.57
C SER C 53 5.78 -9.96 17.58
N GLY C 54 6.53 -10.36 18.57
CA GLY C 54 5.93 -11.10 19.67
C GLY C 54 5.51 -12.47 19.22
N SER C 55 6.20 -13.03 18.21
CA SER C 55 5.91 -14.39 17.67
C SER C 55 4.51 -14.41 17.04
N ALA C 56 4.17 -13.33 16.36
CA ALA C 56 2.87 -13.15 15.71
C ALA C 56 2.99 -12.26 14.53
N VAL C 57 2.01 -12.39 13.60
CA VAL C 57 1.81 -11.42 12.54
C VAL C 57 0.64 -10.53 12.97
N HIS C 58 0.82 -9.25 12.79
CA HIS C 58 -0.20 -8.25 13.07
C HIS C 58 -0.56 -7.57 11.79
N ILE C 59 -1.86 -7.53 11.50
CA ILE C 59 -2.33 -6.87 10.30
C ILE C 59 -3.36 -5.83 10.73
N ARG C 60 -3.31 -4.66 10.09
CA ARG C 60 -4.35 -3.62 10.28
C ARG C 60 -4.92 -3.33 8.92
N VAL C 61 -6.24 -3.44 8.79
CA VAL C 61 -6.96 -3.17 7.57
C VAL C 61 -7.85 -2.00 7.85
N TYR C 62 -7.76 -0.98 7.01
CA TYR C 62 -8.53 0.25 7.17
C TYR C 62 -9.59 0.22 6.08
N ALA C 63 -10.84 0.09 6.54
CA ALA C 63 -11.99 -0.17 5.71
C ALA C 63 -12.88 1.03 5.78
N THR C 64 -13.10 1.69 4.65
CA THR C 64 -13.92 2.88 4.63
C THR C 64 -15.28 2.62 3.97
N SER C 65 -16.30 2.95 4.72
CA SER C 65 -17.69 2.87 4.24
C SER C 65 -18.44 4.04 4.79
N GLY C 66 -19.32 4.65 4.00
CA GLY C 66 -20.22 5.63 4.59
C GLY C 66 -19.51 6.80 5.25
N GLY C 67 -18.38 7.19 4.68
CA GLY C 67 -17.64 8.38 5.17
C GLY C 67 -16.81 8.10 6.44
N SER C 68 -16.71 6.84 6.84
N SER C 68 -16.71 6.85 6.83
CA SER C 68 -16.03 6.49 8.08
CA SER C 68 -16.03 6.45 8.07
C SER C 68 -15.08 5.30 7.89
C SER C 68 -15.06 5.31 7.84
N THR C 69 -13.87 5.44 8.40
CA THR C 69 -12.85 4.41 8.34
C THR C 69 -12.77 3.64 9.66
N THR C 70 -12.93 2.33 9.53
CA THR C 70 -12.79 1.38 10.65
C THR C 70 -11.51 0.64 10.49
N GLU C 71 -10.76 0.56 11.57
CA GLU C 71 -9.58 -0.28 11.62
C GLU C 71 -9.93 -1.69 12.13
N TRP C 72 -9.49 -2.72 11.38
CA TRP C 72 -9.74 -4.09 11.75
C TRP C 72 -8.35 -4.67 12.00
N CYS C 73 -8.26 -5.41 13.07
CA CYS C 73 -6.97 -5.90 13.58
C CYS C 73 -6.91 -7.43 13.59
N TRP C 74 -5.82 -7.98 13.04
CA TRP C 74 -5.49 -9.37 13.22
C TRP C 74 -4.20 -9.38 14.05
N ASP C 75 -4.27 -10.05 15.19
CA ASP C 75 -3.07 -10.28 16.03
C ASP C 75 -2.94 -11.75 16.43
N GLY C 76 -3.57 -12.64 15.67
CA GLY C 76 -3.51 -14.06 15.90
C GLY C 76 -4.75 -14.72 16.44
N ASP C 77 -5.79 -13.93 16.78
CA ASP C 77 -6.96 -14.46 17.52
C ASP C 77 -8.26 -13.97 16.95
N GLY C 78 -8.33 -13.76 15.65
CA GLY C 78 -9.55 -13.29 15.02
C GLY C 78 -9.45 -11.81 14.70
N TRP C 79 -10.38 -11.33 13.89
CA TRP C 79 -10.33 -9.93 13.46
C TRP C 79 -11.15 -9.13 14.46
N THR C 80 -10.55 -8.09 15.02
CA THR C 80 -11.15 -7.30 16.08
C THR C 80 -11.14 -5.83 15.69
N ARG C 81 -12.12 -5.06 16.17
CA ARG C 81 -12.20 -3.65 15.87
C ARG C 81 -11.08 -2.92 16.61
N GLY C 82 -10.35 -2.06 15.89
CA GLY C 82 -9.26 -1.30 16.47
C GLY C 82 -9.69 0.06 16.98
N ALA C 83 -8.77 0.73 17.65
CA ALA C 83 -8.98 2.06 18.25
C ALA C 83 -8.98 3.23 17.28
N TYR C 84 -8.57 2.98 16.04
CA TYR C 84 -8.40 4.06 15.08
C TYR C 84 -9.67 4.86 14.94
N THR C 85 -9.51 6.17 14.95
CA THR C 85 -10.56 7.06 14.48
C THR C 85 -9.94 8.06 13.52
N GLY C 86 -10.79 8.61 12.67
CA GLY C 86 -10.32 9.50 11.63
C GLY C 86 -10.26 10.91 12.13
N LEU C 87 -10.06 11.82 11.17
CA LEU C 87 -9.91 13.25 11.42
C LEU C 87 -11.09 13.85 12.20
C1 NAG D . 10.20 9.98 15.68
C2 NAG D . 9.36 11.12 15.10
C3 NAG D . 8.13 11.39 15.97
C4 NAG D . 7.38 10.11 16.34
C5 NAG D . 8.37 9.03 16.77
C6 NAG D . 7.70 7.66 16.87
C7 NAG D . 10.84 12.59 13.81
C8 NAG D . 11.77 13.76 13.86
N2 NAG D . 10.23 12.27 14.98
O1 NAG D . 11.25 9.67 14.80
O3 NAG D . 7.16 12.20 15.32
O4 NAG D . 6.48 10.37 17.38
O5 NAG D . 9.36 8.85 15.79
O6 NAG D . 8.66 6.76 17.40
O7 NAG D . 10.68 11.98 12.74
C1 GAL D . 7.43 13.59 15.21
C2 GAL D . 6.08 14.21 14.86
C3 GAL D . 6.15 15.73 14.97
C4 GAL D . 6.84 16.18 16.25
C5 GAL D . 8.18 15.49 16.35
C6 GAL D . 8.91 15.98 17.59
O2 GAL D . 5.75 13.96 13.50
O3 GAL D . 4.88 16.29 14.75
O4 GAL D . 6.03 15.85 17.39
O5 GAL D . 7.92 14.11 16.43
O6 GAL D . 10.15 15.32 17.65
C1 FUC D . 4.83 12.89 13.25
C2 FUC D . 3.83 13.44 12.21
C3 FUC D . 4.53 13.66 10.87
C4 FUC D . 5.21 12.36 10.43
C5 FUC D . 6.16 11.95 11.53
C6 FUC D . 6.90 10.65 11.19
O2 FUC D . 3.27 14.63 12.76
O3 FUC D . 3.60 14.14 9.90
O4 FUC D . 4.31 11.29 10.23
O5 FUC D . 5.44 11.75 12.74
C1 GAL E . 18.20 11.86 -2.30
C2 GAL E . 17.09 12.87 -2.04
C3 GAL E . 17.58 14.16 -2.67
C4 GAL E . 18.87 14.60 -2.02
C5 GAL E . 19.90 13.49 -2.19
C6 GAL E . 21.21 13.88 -1.50
O1 GAL E . 17.87 10.57 -1.83
O2 GAL E . 15.97 12.53 -2.81
O3 GAL E . 16.61 15.15 -2.48
O4 GAL E . 18.64 14.77 -0.65
O5 GAL E . 19.39 12.28 -1.65
O6 GAL E . 21.33 15.29 -1.56
C1 FUC E . 14.71 12.41 -2.11
C2 FUC E . 13.61 12.66 -3.15
C3 FUC E . 13.55 11.51 -4.19
C4 FUC E . 13.44 10.18 -3.48
C5 FUC E . 14.58 10.08 -2.47
C6 FUC E . 14.54 8.74 -1.75
O2 FUC E . 13.84 13.85 -3.86
O3 FUC E . 12.50 11.70 -5.13
O4 FUC E . 12.23 10.06 -2.75
O5 FUC E . 14.52 11.14 -1.51
C1 NAG F . 19.17 -1.75 -9.79
C2 NAG F . 17.94 -2.15 -10.58
C3 NAG F . 18.06 -1.91 -12.04
C4 NAG F . 18.39 -0.46 -12.27
C5 NAG F . 19.72 -0.19 -11.56
C6 NAG F . 20.20 1.24 -11.79
C7 NAG F . 16.91 -3.95 -9.33
C8 NAG F . 16.61 -5.41 -9.23
N2 NAG F . 17.60 -3.55 -10.39
O1 NAG F . 18.77 -1.71 -8.45
O3 NAG F . 16.78 -2.19 -12.53
O4 NAG F . 18.46 -0.18 -13.66
O5 NAG F . 19.62 -0.44 -10.16
O6 NAG F . 19.13 2.14 -11.62
O7 NAG F . 16.53 -3.15 -8.46
C1 GAL F . 16.77 -3.12 -13.59
C2 GAL F . 15.48 -2.85 -14.38
C3 GAL F . 15.44 -3.68 -15.65
C4 GAL F . 16.74 -3.56 -16.44
C5 GAL F . 17.92 -3.83 -15.52
C6 GAL F . 19.27 -3.67 -16.22
O2 GAL F . 14.33 -3.24 -13.66
O3 GAL F . 14.32 -3.23 -16.39
O4 GAL F . 16.82 -2.27 -16.96
O5 GAL F . 17.89 -2.92 -14.42
O6 GAL F . 20.27 -4.24 -15.36
C1 FUC F . 13.67 -2.24 -12.86
C2 FUC F . 12.29 -2.04 -13.49
C3 FUC F . 11.43 -3.31 -13.31
C4 FUC F . 11.39 -3.61 -11.83
C5 FUC F . 12.82 -3.82 -11.32
C6 FUC F . 12.87 -4.16 -9.85
O2 FUC F . 12.47 -1.70 -14.83
O3 FUC F . 10.14 -3.10 -13.93
O4 FUC F . 10.75 -2.55 -11.13
O5 FUC F . 13.53 -2.62 -11.52
C1 NAG G . 9.55 -19.40 -5.22
C2 NAG G . 8.14 -19.66 -5.74
C3 NAG G . 8.06 -19.25 -7.23
C4 NAG G . 8.75 -17.93 -7.57
C5 NAG G . 10.11 -17.85 -6.89
C6 NAG G . 10.72 -16.49 -7.16
C7 NAG G . 7.38 -21.67 -4.48
C8 NAG G . 7.42 -23.18 -4.45
N2 NAG G . 7.85 -21.09 -5.60
O1 NAG G . 9.61 -19.62 -3.83
O3 NAG G . 6.73 -19.00 -7.61
O4 NAG G . 8.88 -17.76 -8.97
O5 NAG G . 9.93 -18.06 -5.49
O6 NAG G . 12.09 -16.59 -7.32
O7 NAG G . 6.92 -21.05 -3.52
C1 GAL G . 5.88 -20.10 -7.36
C2 GAL G . 4.57 -19.55 -7.88
C3 GAL G . 3.55 -20.64 -7.63
C4 GAL G . 4.00 -21.95 -8.32
C5 GAL G . 5.36 -22.37 -7.77
C6 GAL G . 5.84 -23.69 -8.35
O2 GAL G . 4.29 -18.43 -7.06
O3 GAL G . 2.25 -20.26 -8.03
O4 GAL G . 4.13 -21.80 -9.73
O5 GAL G . 6.31 -21.31 -7.98
O6 GAL G . 4.69 -24.43 -8.76
C1 FUC G . 4.45 -17.07 -7.49
C2 FUC G . 3.07 -16.58 -7.85
C3 FUC G . 2.16 -16.67 -6.60
C4 FUC G . 2.80 -15.84 -5.48
C5 FUC G . 4.20 -16.38 -5.22
C6 FUC G . 4.86 -15.63 -4.09
O2 FUC G . 2.51 -17.39 -8.88
O3 FUC G . 0.87 -16.22 -6.95
O4 FUC G . 2.95 -14.45 -5.83
O5 FUC G . 4.95 -16.29 -6.43
C1 GLA H . 3.97 -16.30 13.42
C2 GLA H . 2.46 -16.28 13.21
C3 GLA H . 2.28 -16.95 11.85
C4 GLA H . 3.26 -16.41 10.77
C5 GLA H . 4.73 -16.30 11.21
C6 GLA H . 5.59 -15.54 10.21
O1 GLA H . 4.43 -17.56 13.93
O2 GLA H . 1.74 -16.99 14.23
O3 GLA H . 0.91 -16.72 11.49
O4 GLA H . 2.86 -15.10 10.35
O5 GLA H . 4.85 -15.65 12.49
O6 GLA H . 6.95 -15.50 10.72
C1 NAG H . 0.34 -17.79 10.75
C2 NAG H . -1.20 -17.62 10.74
C3 NAG H . -1.85 -18.60 9.76
C4 NAG H . -1.08 -18.63 8.44
C5 NAG H . 0.43 -18.80 8.68
C6 NAG H . 1.26 -18.77 7.40
C7 NAG H . -2.03 -16.93 12.97
C8 NAG H . -2.38 -17.44 14.34
N2 NAG H . -1.70 -17.87 12.09
O3 NAG H . -3.17 -18.19 9.34
O4 NAG H . -1.56 -19.69 7.64
O5 NAG H . 0.85 -17.71 9.44
O6 NAG H . 2.62 -19.10 7.70
O7 NAG H . -2.06 -15.73 12.70
C1 GAL H . -4.18 -18.35 10.30
C2 GAL H . -5.47 -18.11 9.54
C3 GAL H . -6.65 -18.35 10.48
C4 GAL H . -6.53 -19.69 11.17
C5 GAL H . -5.15 -19.86 11.80
C5 GAL H . -5.15 -19.84 11.81
C6 GAL H . -4.90 -21.25 12.36
C6 GAL H . -4.90 -21.19 12.44
O2 GAL H . -5.58 -16.76 9.23
O3 GAL H . -7.83 -18.21 9.69
O4 GAL H . -6.75 -20.77 10.27
O5 GAL H . -4.18 -19.65 10.82
O6 GAL H . -5.78 -21.43 13.44
O6 GAL H . -3.99 -21.02 13.52
C1 FUC H . -5.24 -16.33 7.88
C2 FUC H . -6.44 -15.54 7.37
C3 FUC H . -6.70 -14.30 8.26
C4 FUC H . -5.43 -13.50 8.35
C5 FUC H . -4.29 -14.40 8.88
C6 FUC H . -2.97 -13.63 8.96
O2 FUC H . -7.59 -16.37 7.30
O3 FUC H . -7.83 -13.55 7.77
O4 FUC H . -5.06 -13.02 7.05
O5 FUC H . -4.12 -15.52 7.99
C1 NAG I . -0.99 -6.93 20.71
C2 NAG I . -1.73 -5.69 20.16
C3 NAG I . -3.06 -5.55 20.87
C4 NAG I . -3.85 -6.87 20.84
C5 NAG I . -2.96 -8.04 21.32
C6 NAG I . -3.69 -9.38 21.25
C7 NAG I . -0.34 -3.82 19.61
C8 NAG I . 0.19 -2.49 20.04
N2 NAG I . -0.99 -4.52 20.53
O1 NAG I . 0.27 -7.13 20.10
O3 NAG I . -3.77 -4.40 20.38
O4 NAG I . -5.05 -6.78 21.58
O5 NAG I . -1.80 -8.07 20.51
O6 NAG I . -2.80 -10.42 21.60
O7 NAG I . -0.15 -4.23 18.47
C1 GAL I . -3.94 -3.35 21.39
C2 GAL I . -4.88 -2.28 20.83
C3 GAL I . -5.30 -1.24 21.85
C4 GAL I . -5.82 -1.93 23.10
C5 GAL I . -4.82 -2.96 23.61
C6 GAL I . -5.46 -3.72 24.79
O2 GAL I . -4.22 -1.50 19.83
O3 GAL I . -6.30 -0.39 21.29
O4 GAL I . -6.98 -2.62 22.71
O5 GAL I . -4.52 -3.89 22.59
O6 GAL I . -4.48 -4.58 25.31
C1 FUC I . -4.38 -1.98 18.51
C2 FUC I . -5.30 -1.02 17.78
C3 FUC I . -4.59 0.33 17.60
C4 FUC I . -3.31 0.10 16.86
C5 FUC I . -2.44 -0.87 17.68
C6 FUC I . -1.14 -1.14 16.92
O2 FUC I . -6.44 -0.85 18.58
O3 FUC I . -5.45 1.27 16.96
O4 FUC I . -3.57 -0.48 15.58
O5 FUC I . -3.16 -2.08 17.82
#